data_5BJO
#
_entry.id   5BJO
#
_cell.length_a   36.269
_cell.length_b   55.305
_cell.length_c   99.002
_cell.angle_alpha   90.00
_cell.angle_beta   90.00
_cell.angle_gamma   90.00
#
_symmetry.space_group_name_H-M   'P 21 21 21'
#
loop_
_entity.id
_entity.type
_entity.pdbx_description
1 polymer 'RNA (36-MER)'
2 non-polymer 'POTASSIUM ION'
3 non-polymer 'MAGNESIUM ION'
4 non-polymer (5Z)-5-[(3,5-difluoro-4-hydroxyphenyl)methylidene]-2-[(E)-(hydroxyimino)methyl]-3-methyl-3,5-dihydro-4H-imidazol-4-one
5 water water
#
_entity_poly.entity_id   1
_entity_poly.type   'polyribonucleotide'
_entity_poly.pdbx_seq_one_letter_code
;GGCGCGAGGAAGGAGG(IU)CUGAGGAGGUCACUGCGCC
;
_entity_poly.pdbx_strand_id   E,Y
#